data_6GZA
#
_entry.id   6GZA
#
_cell.length_a   71.198
_cell.length_b   71.198
_cell.length_c   77.068
_cell.angle_alpha   90.00
_cell.angle_beta   90.00
_cell.angle_gamma   120.00
#
_symmetry.space_group_name_H-M   'P 31 2 1'
#
loop_
_entity.id
_entity.type
_entity.pdbx_description
1 polymer 'Capsid protein'
2 non-polymer 'COBALT (II) ION'
3 water water
#
_entity_poly.entity_id   1
_entity_poly.type   'polypeptide(L)'
_entity_poly.pdbx_seq_one_letter_code
;SPTNLAKVKGITQGPNESPSAFLERLKEAYRRYTPYDPEDPGQETNVSMSFIWQSAPDIGRKLERLEDLKSKTLGDLVRE
AEKIFNK
;
_entity_poly.pdbx_strand_id   A,B
#
loop_
_chem_comp.id
_chem_comp.type
_chem_comp.name
_chem_comp.formula
CO non-polymer 'COBALT (II) ION' 'Co 2'
#
# COMPACT_ATOMS: atom_id res chain seq x y z
N SER A 1 0.94 2.51 19.32
CA SER A 1 -0.44 2.92 19.07
C SER A 1 -1.22 1.82 18.36
N PRO A 2 -2.53 1.77 18.60
CA PRO A 2 -3.37 0.79 17.90
C PRO A 2 -3.36 1.06 16.41
N THR A 3 -3.53 -0.02 15.64
CA THR A 3 -3.39 0.04 14.19
C THR A 3 -4.33 1.08 13.59
N ASN A 4 -3.77 1.92 12.72
CA ASN A 4 -4.47 3.07 12.15
C ASN A 4 -3.82 3.35 10.80
N LEU A 5 -4.32 2.68 9.75
CA LEU A 5 -3.70 2.81 8.43
C LEU A 5 -3.75 4.24 7.91
N ALA A 6 -4.83 4.97 8.24
CA ALA A 6 -4.91 6.37 7.82
C ALA A 6 -3.68 7.16 8.20
N LYS A 7 -3.04 6.83 9.32
CA LYS A 7 -1.84 7.57 9.72
C LYS A 7 -0.70 7.34 8.75
N VAL A 8 -0.60 6.11 8.24
CA VAL A 8 0.45 5.81 7.26
C VAL A 8 0.15 6.53 5.96
N LYS A 9 -1.11 6.49 5.49
CA LYS A 9 -1.46 7.19 4.26
C LYS A 9 -1.31 8.69 4.40
N GLY A 10 -1.40 9.21 5.63
CA GLY A 10 -1.25 10.64 5.82
C GLY A 10 0.16 11.18 5.79
N ILE A 11 1.19 10.34 5.65
CA ILE A 11 2.57 10.81 5.58
C ILE A 11 2.83 11.22 4.14
N THR A 12 2.89 12.53 3.87
CA THR A 12 3.13 13.02 2.51
C THR A 12 4.37 13.89 2.50
N GLN A 13 5.21 13.70 1.47
CA GLN A 13 6.46 14.44 1.40
C GLN A 13 6.19 15.94 1.33
N GLY A 14 6.87 16.70 2.19
CA GLY A 14 6.79 18.14 2.17
C GLY A 14 7.52 18.72 0.97
N PRO A 15 7.17 19.96 0.61
CA PRO A 15 7.79 20.57 -0.59
C PRO A 15 9.28 20.79 -0.46
N ASN A 16 9.81 20.95 0.75
CA ASN A 16 11.24 21.11 0.98
C ASN A 16 11.88 19.85 1.52
N GLU A 17 11.11 18.79 1.70
CA GLU A 17 11.58 17.62 2.42
C GLU A 17 12.32 16.66 1.48
N SER A 18 13.53 16.27 1.88
CA SER A 18 14.31 15.34 1.09
C SER A 18 13.64 13.97 1.04
N PRO A 19 13.85 13.21 -0.04
CA PRO A 19 13.28 11.85 -0.11
C PRO A 19 13.69 10.95 1.03
N SER A 20 14.94 11.04 1.51
CA SER A 20 15.33 10.16 2.59
C SER A 20 14.69 10.57 3.91
N ALA A 21 14.51 11.87 4.13
CA ALA A 21 13.84 12.32 5.35
C ALA A 21 12.37 11.91 5.34
N PHE A 22 11.73 12.06 4.18
CA PHE A 22 10.34 11.60 4.02
C PHE A 22 10.23 10.09 4.26
N LEU A 23 11.14 9.31 3.67
CA LEU A 23 11.08 7.87 3.89
C LEU A 23 11.21 7.53 5.38
N GLU A 24 12.10 8.20 6.11
CA GLU A 24 12.20 7.90 7.54
C GLU A 24 10.90 8.22 8.26
N ARG A 25 10.25 9.33 7.91
CA ARG A 25 8.96 9.66 8.53
C ARG A 25 7.90 8.61 8.17
N LEU A 26 7.95 8.11 6.94
CA LEU A 26 6.99 7.08 6.53
C LEU A 26 7.23 5.79 7.29
N LYS A 27 8.49 5.40 7.47
CA LYS A 27 8.78 4.19 8.22
C LYS A 27 8.36 4.34 9.67
N GLU A 28 8.54 5.52 10.24
CA GLU A 28 8.12 5.74 11.63
C GLU A 28 6.62 5.52 11.79
N ALA A 29 5.83 5.95 10.80
CA ALA A 29 4.38 5.75 10.87
C ALA A 29 4.01 4.29 10.76
N TYR A 30 4.68 3.54 9.88
CA TYR A 30 4.50 2.09 9.84
C TYR A 30 4.78 1.47 11.21
N ARG A 31 5.89 1.85 11.84
CA ARG A 31 6.23 1.29 13.15
C ARG A 31 5.15 1.63 14.17
N ARG A 32 4.70 2.89 14.21
CA ARG A 32 3.83 3.31 15.31
C ARG A 32 2.41 2.82 15.12
N TYR A 33 1.92 2.81 13.87
CA TYR A 33 0.50 2.64 13.60
C TYR A 33 0.14 1.40 12.80
N THR A 34 1.08 0.49 12.54
CA THR A 34 0.76 -0.80 11.95
C THR A 34 1.52 -1.88 12.70
N PRO A 35 1.13 -3.15 12.54
CA PRO A 35 1.97 -4.25 13.03
C PRO A 35 3.08 -4.66 12.08
N TYR A 36 3.27 -3.95 10.96
CA TYR A 36 4.28 -4.34 9.99
C TYR A 36 5.59 -3.60 10.25
N ASP A 37 6.69 -4.35 10.22
CA ASP A 37 8.02 -3.77 10.37
C ASP A 37 8.48 -3.27 9.00
N PRO A 38 8.62 -1.95 8.80
CA PRO A 38 8.98 -1.46 7.46
C PRO A 38 10.36 -1.88 7.01
N GLU A 39 11.18 -2.46 7.89
CA GLU A 39 12.49 -2.94 7.50
C GLU A 39 12.49 -4.41 7.08
N ASP A 40 11.37 -5.11 7.20
CA ASP A 40 11.32 -6.51 6.81
C ASP A 40 11.42 -6.66 5.30
N PRO A 41 12.19 -7.63 4.81
CA PRO A 41 12.24 -7.84 3.35
C PRO A 41 10.88 -8.10 2.75
N GLY A 42 9.99 -8.76 3.48
CA GLY A 42 8.64 -8.99 3.01
C GLY A 42 7.77 -7.75 2.94
N GLN A 43 8.20 -6.62 3.52
CA GLN A 43 7.41 -5.40 3.48
C GLN A 43 7.92 -4.42 2.43
N GLU A 44 8.99 -4.76 1.70
CA GLU A 44 9.67 -3.79 0.86
C GLU A 44 8.75 -3.24 -0.22
N THR A 45 8.06 -4.12 -0.95
CA THR A 45 7.16 -3.62 -2.00
C THR A 45 6.06 -2.78 -1.41
N ASN A 46 5.57 -3.14 -0.22
CA ASN A 46 4.53 -2.37 0.44
C ASN A 46 5.02 -0.96 0.80
N VAL A 47 6.18 -0.86 1.43
CA VAL A 47 6.73 0.46 1.75
C VAL A 47 7.06 1.20 0.46
N SER A 48 7.59 0.48 -0.53
CA SER A 48 7.92 1.12 -1.81
C SER A 48 6.69 1.75 -2.44
N MET A 49 5.55 1.05 -2.38
CA MET A 49 4.36 1.59 -3.02
C MET A 49 3.86 2.84 -2.30
N SER A 50 3.87 2.82 -0.97
CA SER A 50 3.53 4.02 -0.22
C SER A 50 4.50 5.15 -0.53
N PHE A 51 5.80 4.82 -0.62
CA PHE A 51 6.80 5.84 -0.90
C PHE A 51 6.53 6.50 -2.25
N ILE A 52 6.25 5.70 -3.27
CA ILE A 52 5.96 6.26 -4.60
C ILE A 52 4.68 7.06 -4.56
N TRP A 53 3.62 6.50 -3.98
CA TRP A 53 2.32 7.17 -4.00
C TRP A 53 2.34 8.47 -3.22
N GLN A 54 3.10 8.55 -2.15
CA GLN A 54 3.02 9.69 -1.24
C GLN A 54 4.21 10.64 -1.36
N SER A 55 5.13 10.37 -2.27
CA SER A 55 6.16 11.35 -2.63
C SER A 55 5.50 12.60 -3.21
N ALA A 56 6.27 13.69 -3.24
CA ALA A 56 5.81 14.90 -3.89
C ALA A 56 5.43 14.57 -5.34
N PRO A 57 4.38 15.19 -5.88
CA PRO A 57 3.80 14.70 -7.15
C PRO A 57 4.77 14.59 -8.31
N ASP A 58 5.65 15.58 -8.50
CA ASP A 58 6.62 15.47 -9.58
C ASP A 58 7.50 14.24 -9.40
N ILE A 59 7.94 13.98 -8.17
CA ILE A 59 8.77 12.82 -7.91
C ILE A 59 7.98 11.54 -8.13
N GLY A 60 6.77 11.47 -7.57
CA GLY A 60 5.97 10.25 -7.68
C GLY A 60 5.69 9.89 -9.12
N ARG A 61 5.34 10.89 -9.94
CA ARG A 61 5.08 10.61 -11.36
C ARG A 61 6.31 10.06 -12.06
N LYS A 62 7.51 10.56 -11.71
CA LYS A 62 8.71 10.06 -12.38
C LYS A 62 9.10 8.67 -11.87
N LEU A 63 8.97 8.41 -10.57
CA LEU A 63 9.27 7.09 -10.03
C LEU A 63 8.38 6.04 -10.65
N GLU A 64 7.09 6.38 -10.81
CA GLU A 64 6.13 5.48 -11.42
C GLU A 64 6.51 5.11 -12.85
N ARG A 65 7.19 6.00 -13.56
CA ARG A 65 7.60 5.77 -14.95
C ARG A 65 8.99 5.14 -15.09
N LEU A 66 9.67 4.83 -13.99
CA LEU A 66 11.00 4.21 -14.10
C LEU A 66 10.94 2.92 -14.89
N GLU A 67 11.94 2.70 -15.74
CA GLU A 67 12.04 1.42 -16.43
C GLU A 67 12.45 0.34 -15.45
N ASP A 68 11.90 -0.86 -15.65
CA ASP A 68 12.09 -1.98 -14.74
C ASP A 68 11.78 -1.57 -13.30
N LEU A 69 10.62 -0.96 -13.11
CA LEU A 69 10.21 -0.50 -11.78
C LEU A 69 10.20 -1.63 -10.77
N LYS A 70 9.70 -2.80 -11.17
CA LYS A 70 9.63 -3.94 -10.26
C LYS A 70 10.98 -4.30 -9.68
N SER A 71 12.06 -3.97 -10.39
CA SER A 71 13.42 -4.31 -9.98
C SER A 71 14.01 -3.33 -8.97
N LYS A 72 13.34 -2.19 -8.75
CA LYS A 72 13.92 -1.15 -7.91
C LYS A 72 13.73 -1.49 -6.44
N THR A 73 14.84 -1.48 -5.69
CA THR A 73 14.74 -1.59 -4.24
C THR A 73 14.27 -0.27 -3.65
N LEU A 74 13.93 -0.31 -2.36
CA LEU A 74 13.62 0.92 -1.65
C LEU A 74 14.78 1.91 -1.72
N GLY A 75 16.01 1.40 -1.58
CA GLY A 75 17.19 2.26 -1.75
C GLY A 75 17.30 2.82 -3.15
N ASP A 76 16.98 2.02 -4.16
CA ASP A 76 16.99 2.52 -5.54
C ASP A 76 15.99 3.65 -5.71
N LEU A 77 14.78 3.47 -5.18
CA LEU A 77 13.75 4.50 -5.31
C LEU A 77 14.16 5.79 -4.64
N VAL A 78 14.79 5.70 -3.46
CA VAL A 78 15.26 6.92 -2.79
C VAL A 78 16.28 7.63 -3.65
N ARG A 79 17.20 6.89 -4.25
CA ARG A 79 18.23 7.51 -5.08
C ARG A 79 17.62 8.17 -6.30
N GLU A 80 16.63 7.52 -6.94
CA GLU A 80 15.97 8.13 -8.09
C GLU A 80 15.20 9.37 -7.69
N ALA A 81 14.54 9.33 -6.53
CA ALA A 81 13.82 10.50 -6.06
C ALA A 81 14.76 11.65 -5.76
N GLU A 82 15.95 11.32 -5.22
CA GLU A 82 16.94 12.36 -4.94
C GLU A 82 17.41 13.04 -6.21
N LYS A 83 17.56 12.29 -7.30
CA LYS A 83 17.95 12.89 -8.58
C LYS A 83 16.95 13.96 -9.00
N ILE A 84 15.65 13.67 -8.87
CA ILE A 84 14.62 14.63 -9.19
C ILE A 84 14.63 15.78 -8.18
N PHE A 85 14.78 15.46 -6.90
CA PHE A 85 14.73 16.48 -5.85
C PHE A 85 15.88 17.47 -5.96
N ASN A 86 17.08 16.99 -6.33
CA ASN A 86 18.28 17.81 -6.30
C ASN A 86 18.54 18.55 -7.60
N LYS A 87 18.14 17.98 -8.74
CA LYS A 87 18.40 18.57 -10.06
C LYS A 87 19.90 18.79 -10.29
N SER B 1 -1.20 -2.55 -19.11
CA SER B 1 -1.12 -1.08 -19.14
C SER B 1 0.10 -0.60 -18.37
N PRO B 2 0.60 0.58 -18.74
CA PRO B 2 1.73 1.15 -18.01
C PRO B 2 1.36 1.43 -16.57
N THR B 3 2.34 1.32 -15.68
CA THR B 3 2.10 1.44 -14.26
C THR B 3 1.39 2.74 -13.92
N ASN B 4 0.37 2.62 -13.05
CA ASN B 4 -0.52 3.73 -12.74
C ASN B 4 -1.12 3.42 -11.37
N LEU B 5 -0.43 3.85 -10.30
CA LEU B 5 -0.86 3.48 -8.96
C LEU B 5 -2.21 4.08 -8.61
N ALA B 6 -2.60 5.20 -9.24
CA ALA B 6 -3.89 5.80 -8.94
C ALA B 6 -5.03 4.82 -9.23
N LYS B 7 -4.89 3.99 -10.26
CA LYS B 7 -5.90 2.99 -10.57
C LYS B 7 -6.06 1.95 -9.45
N VAL B 8 -4.95 1.60 -8.79
CA VAL B 8 -5.04 0.68 -7.67
C VAL B 8 -5.72 1.36 -6.50
N LYS B 9 -5.28 2.58 -6.20
CA LYS B 9 -5.92 3.36 -5.14
C LYS B 9 -7.39 3.61 -5.44
N GLY B 10 -7.76 3.66 -6.72
CA GLY B 10 -9.15 3.96 -7.05
C GLY B 10 -10.13 2.82 -6.91
N ILE B 11 -9.66 1.60 -6.63
CA ILE B 11 -10.55 0.46 -6.43
C ILE B 11 -11.06 0.52 -5.00
N THR B 12 -12.33 0.84 -4.81
CA THR B 12 -12.89 0.86 -3.46
C THR B 12 -14.16 0.04 -3.45
N GLN B 13 -14.40 -0.66 -2.35
CA GLN B 13 -15.56 -1.51 -2.27
C GLN B 13 -16.83 -0.69 -2.42
N GLY B 14 -17.71 -1.13 -3.32
CA GLY B 14 -18.96 -0.47 -3.56
C GLY B 14 -19.92 -0.67 -2.42
N PRO B 15 -20.94 0.19 -2.34
CA PRO B 15 -21.86 0.15 -1.19
C PRO B 15 -22.55 -1.18 -0.99
N ASN B 16 -22.87 -1.89 -2.08
CA ASN B 16 -23.58 -3.15 -1.99
C ASN B 16 -22.73 -4.31 -2.50
N GLU B 17 -21.42 -4.11 -2.57
CA GLU B 17 -20.51 -5.06 -3.19
C GLU B 17 -19.89 -5.96 -2.13
N SER B 18 -19.85 -7.25 -2.41
CA SER B 18 -19.28 -8.19 -1.46
C SER B 18 -17.77 -8.00 -1.37
N PRO B 19 -17.19 -8.31 -0.21
CA PRO B 19 -15.73 -8.24 -0.10
C PRO B 19 -15.00 -9.09 -1.13
N SER B 20 -15.52 -10.28 -1.47
CA SER B 20 -14.81 -11.12 -2.44
C SER B 20 -14.85 -10.52 -3.84
N ALA B 21 -15.97 -9.90 -4.22
CA ALA B 21 -16.02 -9.28 -5.54
C ALA B 21 -15.11 -8.05 -5.61
N PHE B 22 -15.04 -7.29 -4.50
CA PHE B 22 -14.15 -6.15 -4.43
C PHE B 22 -12.69 -6.59 -4.52
N LEU B 23 -12.32 -7.66 -3.82
CA LEU B 23 -10.93 -8.12 -3.88
C LEU B 23 -10.56 -8.59 -5.28
N GLU B 24 -11.50 -9.22 -6.00
CA GLU B 24 -11.22 -9.58 -7.38
C GLU B 24 -10.92 -8.35 -8.23
N ARG B 25 -11.71 -7.29 -8.08
CA ARG B 25 -11.43 -6.06 -8.83
C ARG B 25 -10.11 -5.44 -8.41
N LEU B 26 -9.78 -5.51 -7.12
CA LEU B 26 -8.51 -4.94 -6.66
C LEU B 26 -7.33 -5.72 -7.23
N LYS B 27 -7.43 -7.04 -7.22
CA LYS B 27 -6.39 -7.86 -7.84
C LYS B 27 -6.26 -7.55 -9.32
N GLU B 28 -7.39 -7.37 -10.00
CA GLU B 28 -7.37 -7.06 -11.43
C GLU B 28 -6.63 -5.75 -11.68
N ALA B 29 -6.85 -4.76 -10.81
CA ALA B 29 -6.13 -3.50 -10.96
C ALA B 29 -4.63 -3.68 -10.72
N TYR B 30 -4.25 -4.50 -9.74
CA TYR B 30 -2.81 -4.80 -9.54
C TYR B 30 -2.19 -5.42 -10.79
N ARG B 31 -2.90 -6.38 -11.39
CA ARG B 31 -2.39 -7.03 -12.60
C ARG B 31 -2.25 -6.04 -13.74
N ARG B 32 -3.24 -5.18 -13.94
CA ARG B 32 -3.25 -4.36 -15.13
C ARG B 32 -2.31 -3.17 -15.01
N TYR B 33 -2.22 -2.57 -13.82
CA TYR B 33 -1.64 -1.25 -13.66
C TYR B 33 -0.42 -1.21 -12.75
N THR B 34 0.12 -2.35 -12.33
CA THR B 34 1.38 -2.40 -11.61
C THR B 34 2.19 -3.56 -12.14
N PRO B 35 3.49 -3.61 -11.84
CA PRO B 35 4.27 -4.82 -12.13
C PRO B 35 4.20 -5.86 -11.03
N TYR B 36 3.42 -5.61 -9.98
CA TYR B 36 3.34 -6.53 -8.85
C TYR B 36 2.23 -7.53 -9.10
N ASP B 37 2.57 -8.81 -9.01
CA ASP B 37 1.58 -9.84 -9.24
C ASP B 37 0.83 -10.14 -7.96
N PRO B 38 -0.48 -9.90 -7.90
CA PRO B 38 -1.20 -10.09 -6.63
C PRO B 38 -1.33 -11.54 -6.20
N GLU B 39 -0.94 -12.49 -7.05
CA GLU B 39 -0.90 -13.90 -6.64
C GLU B 39 0.49 -14.35 -6.23
N ASP B 40 1.51 -13.53 -6.42
CA ASP B 40 2.83 -13.78 -5.87
C ASP B 40 2.77 -13.69 -4.35
N PRO B 41 3.15 -14.75 -3.61
CA PRO B 41 3.14 -14.66 -2.14
C PRO B 41 3.96 -13.50 -1.60
N GLY B 42 4.95 -13.04 -2.35
CA GLY B 42 5.73 -11.90 -1.91
C GLY B 42 4.96 -10.59 -1.92
N GLN B 43 3.76 -10.57 -2.49
CA GLN B 43 2.96 -9.35 -2.57
C GLN B 43 1.79 -9.36 -1.60
N GLU B 44 1.63 -10.42 -0.82
CA GLU B 44 0.38 -10.60 -0.07
C GLU B 44 0.17 -9.50 0.96
N THR B 45 1.23 -9.07 1.68
CA THR B 45 1.00 -8.01 2.65
C THR B 45 0.70 -6.70 1.95
N ASN B 46 1.20 -6.52 0.74
CA ASN B 46 0.86 -5.32 -0.02
C ASN B 46 -0.60 -5.32 -0.44
N VAL B 47 -1.07 -6.42 -1.05
CA VAL B 47 -2.49 -6.51 -1.41
C VAL B 47 -3.36 -6.46 -0.15
N SER B 48 -2.89 -7.07 0.95
CA SER B 48 -3.67 -7.03 2.18
C SER B 48 -3.87 -5.61 2.68
N MET B 49 -2.82 -4.78 2.61
CA MET B 49 -2.98 -3.41 3.08
C MET B 49 -3.97 -2.64 2.23
N SER B 50 -3.87 -2.78 0.91
CA SER B 50 -4.84 -2.14 0.03
C SER B 50 -6.25 -2.61 0.33
N PHE B 51 -6.40 -3.90 0.60
CA PHE B 51 -7.72 -4.46 0.86
C PHE B 51 -8.34 -3.86 2.12
N ILE B 52 -7.57 -3.80 3.22
CA ILE B 52 -8.09 -3.17 4.44
C ILE B 52 -8.41 -1.71 4.19
N TRP B 53 -7.46 -0.96 3.62
CA TRP B 53 -7.64 0.48 3.44
C TRP B 53 -8.84 0.78 2.55
N GLN B 54 -9.07 -0.02 1.52
CA GLN B 54 -10.04 0.36 0.50
C GLN B 54 -11.37 -0.39 0.63
N SER B 55 -11.49 -1.28 1.60
CA SER B 55 -12.79 -1.84 1.98
C SER B 55 -13.74 -0.73 2.44
N ALA B 56 -15.03 -1.05 2.40
CA ALA B 56 -16.03 -0.19 3.02
C ALA B 56 -15.56 0.18 4.43
N PRO B 57 -15.72 1.44 4.84
CA PRO B 57 -15.05 1.89 6.07
C PRO B 57 -15.45 1.12 7.31
N ASP B 58 -16.73 0.73 7.41
CA ASP B 58 -17.14 -0.11 8.54
C ASP B 58 -16.35 -1.40 8.59
N ILE B 59 -16.14 -2.04 7.43
CA ILE B 59 -15.41 -3.29 7.38
C ILE B 59 -13.93 -3.05 7.67
N GLY B 60 -13.35 -2.02 7.04
CA GLY B 60 -11.93 -1.77 7.21
C GLY B 60 -11.55 -1.44 8.64
N ARG B 61 -12.40 -0.69 9.33
CA ARG B 61 -12.11 -0.38 10.73
C ARG B 61 -12.11 -1.64 11.59
N LYS B 62 -13.03 -2.56 11.31
CA LYS B 62 -13.07 -3.81 12.05
C LYS B 62 -11.87 -4.68 11.70
N LEU B 63 -11.48 -4.73 10.43
CA LEU B 63 -10.31 -5.52 10.06
C LEU B 63 -9.07 -5.01 10.76
N GLU B 64 -8.92 -3.68 10.85
CA GLU B 64 -7.79 -3.07 11.57
C GLU B 64 -7.69 -3.57 13.00
N ARG B 65 -8.83 -3.89 13.62
CA ARG B 65 -8.90 -4.22 15.04
C ARG B 65 -8.76 -5.71 15.32
N LEU B 66 -8.56 -6.55 14.29
CA LEU B 66 -8.42 -7.97 14.52
C LEU B 66 -7.22 -8.26 15.41
N GLU B 67 -7.39 -9.16 16.36
CA GLU B 67 -6.28 -9.62 17.18
C GLU B 67 -5.28 -10.36 16.29
N ASP B 68 -3.99 -10.09 16.51
CA ASP B 68 -2.90 -10.69 15.73
C ASP B 68 -3.07 -10.43 14.24
N LEU B 69 -3.33 -9.16 13.89
CA LEU B 69 -3.55 -8.81 12.50
C LEU B 69 -2.37 -9.18 11.62
N LYS B 70 -1.15 -9.11 12.16
CA LYS B 70 0.05 -9.38 11.37
C LYS B 70 0.07 -10.80 10.82
N SER B 71 -0.57 -11.74 11.52
CA SER B 71 -0.59 -13.13 11.09
C SER B 71 -1.78 -13.49 10.20
N LYS B 72 -2.65 -12.54 9.89
CA LYS B 72 -3.79 -12.83 9.03
C LYS B 72 -3.33 -12.91 7.58
N THR B 73 -3.71 -13.99 6.91
CA THR B 73 -3.51 -14.07 5.48
C THR B 73 -4.54 -13.23 4.75
N LEU B 74 -4.28 -12.95 3.47
CA LEU B 74 -5.29 -12.27 2.67
C LEU B 74 -6.59 -13.06 2.66
N GLY B 75 -6.50 -14.40 2.60
CA GLY B 75 -7.69 -15.22 2.69
C GLY B 75 -8.40 -15.07 4.03
N ASP B 76 -7.64 -14.94 5.12
CA ASP B 76 -8.24 -14.66 6.42
C ASP B 76 -9.00 -13.34 6.41
N LEU B 77 -8.39 -12.29 5.86
CA LEU B 77 -9.02 -10.98 5.89
C LEU B 77 -10.34 -11.00 5.13
N VAL B 78 -10.38 -11.68 3.99
CA VAL B 78 -11.59 -11.75 3.19
C VAL B 78 -12.69 -12.47 3.95
N ARG B 79 -12.35 -13.58 4.61
CA ARG B 79 -13.34 -14.32 5.39
C ARG B 79 -13.92 -13.46 6.49
N GLU B 80 -13.06 -12.73 7.21
CA GLU B 80 -13.55 -11.85 8.27
C GLU B 80 -14.37 -10.70 7.69
N ALA B 81 -13.97 -10.20 6.51
CA ALA B 81 -14.77 -9.18 5.84
C ALA B 81 -16.13 -9.74 5.41
N GLU B 82 -16.15 -10.96 4.88
CA GLU B 82 -17.41 -11.61 4.53
C GLU B 82 -18.29 -11.84 5.76
N LYS B 83 -17.68 -12.21 6.88
CA LYS B 83 -18.45 -12.37 8.12
C LYS B 83 -19.12 -11.06 8.50
N ILE B 84 -18.41 -9.94 8.40
CA ILE B 84 -19.02 -8.65 8.67
C ILE B 84 -20.08 -8.32 7.62
N PHE B 85 -19.78 -8.57 6.34
CA PHE B 85 -20.69 -8.17 5.27
C PHE B 85 -22.04 -8.87 5.39
N ASN B 86 -22.03 -10.15 5.73
CA ASN B 86 -23.23 -10.97 5.81
C ASN B 86 -23.87 -10.96 7.19
N LYS B 87 -23.60 -9.93 7.99
CA LYS B 87 -24.20 -9.75 9.31
C LYS B 87 -23.87 -10.92 10.25
CO CO C . 1.58 0.94 17.80
#